data_2FB5
#
_entry.id   2FB5
#
_cell.length_a   109.614
_cell.length_b   109.609
_cell.length_c   77.484
_cell.angle_alpha   90.00
_cell.angle_beta   90.07
_cell.angle_gamma   90.00
#
_symmetry.space_group_name_H-M   'C 1 2 1'
#
loop_
_entity.id
_entity.type
_entity.pdbx_description
1 polymer 'hypothetical Membrane Spanning Protein'
2 water water
#
_entity_poly.entity_id   1
_entity_poly.type   'polypeptide(L)'
_entity_poly.pdbx_seq_one_letter_code
;ASNAMHEWGLSEELKIQTKQMIEIAEKELSIMRNAIDKEDECILCKMEDIHHMLANVQTLAATYYIQAYLSPYTESSSFI
TTAIQHLSARKHGALIVVERNETLEALIQTGTTLNAHLTAPLLESIFYPGNPLHDGAVLVKNNHIVSAANILPLTKSTEV
DPELGTRHRAAIGLSEKSDALILVVSEETGRTSFALNGILYTISL
;
_entity_poly.pdbx_strand_id   A,B,C
#
# COMPACT_ATOMS: atom_id res chain seq x y z
N SER A 2 -13.20 -5.69 5.87
CA SER A 2 -12.80 -4.28 6.10
C SER A 2 -11.37 -4.07 6.61
N ASN A 3 -10.69 -5.15 6.97
CA ASN A 3 -9.23 -5.14 7.09
C ASN A 3 -8.65 -4.89 5.68
N ALA A 4 -8.15 -3.69 5.42
CA ALA A 4 -7.63 -3.35 4.09
C ALA A 4 -6.51 -4.28 3.56
N MET A 5 -5.66 -4.79 4.45
CA MET A 5 -4.61 -5.74 4.06
C MET A 5 -5.26 -6.99 3.49
N HIS A 6 -6.19 -7.58 4.26
CA HIS A 6 -6.94 -8.76 3.84
C HIS A 6 -7.69 -8.51 2.52
N GLU A 7 -8.41 -7.39 2.44
CA GLU A 7 -9.18 -7.04 1.24
C GLU A 7 -8.29 -6.88 0.01
N TRP A 8 -7.10 -6.35 0.21
CA TRP A 8 -6.13 -6.19 -0.88
C TRP A 8 -5.73 -7.55 -1.45
N GLY A 9 -5.39 -8.47 -0.55
CA GLY A 9 -5.18 -9.88 -0.93
C GLY A 9 -6.35 -10.43 -1.73
N LEU A 10 -7.58 -10.14 -1.31
CA LEU A 10 -8.75 -10.69 -2.03
C LEU A 10 -8.90 -10.08 -3.42
N SER A 11 -8.67 -8.78 -3.52
CA SER A 11 -8.69 -8.08 -4.80
C SER A 11 -7.66 -8.71 -5.71
N GLU A 12 -6.45 -8.93 -5.18
CA GLU A 12 -5.34 -9.45 -5.98
C GLU A 12 -5.63 -10.87 -6.47
N GLU A 13 -6.33 -11.66 -5.67
CA GLU A 13 -6.68 -13.01 -6.11
C GLU A 13 -7.75 -13.02 -7.20
N LEU A 14 -8.69 -12.06 -7.15
CA LEU A 14 -9.69 -11.89 -8.21
C LEU A 14 -9.04 -11.48 -9.54
N LYS A 15 -8.02 -10.63 -9.44
CA LYS A 15 -7.21 -10.22 -10.59
C LYS A 15 -6.51 -11.42 -11.22
N ILE A 16 -5.92 -12.27 -10.37
CA ILE A 16 -5.30 -13.51 -10.82
C ILE A 16 -6.30 -14.40 -11.54
N GLN A 17 -7.47 -14.60 -10.95
CA GLN A 17 -8.54 -15.38 -11.60
C GLN A 17 -8.97 -14.82 -12.94
N THR A 18 -9.06 -13.48 -13.03
CA THR A 18 -9.41 -12.83 -14.29
C THR A 18 -8.35 -13.11 -15.37
N LYS A 19 -7.07 -12.96 -15.00
CA LYS A 19 -5.96 -13.22 -15.92
C LYS A 19 -5.97 -14.68 -16.38
N GLN A 20 -6.26 -15.59 -15.46
CA GLN A 20 -6.32 -17.02 -15.79
C GLN A 20 -7.46 -17.35 -16.77
N MET A 21 -8.61 -16.71 -16.63
CA MET A 21 -9.67 -16.93 -17.61
C MET A 21 -9.32 -16.35 -18.98
N ILE A 22 -8.64 -15.21 -18.99
CA ILE A 22 -8.17 -14.63 -20.25
C ILE A 22 -7.19 -15.60 -20.94
N GLU A 23 -6.28 -16.20 -20.16
CA GLU A 23 -5.34 -17.17 -20.72
C GLU A 23 -6.02 -18.39 -21.29
N ILE A 24 -7.07 -18.86 -20.61
CA ILE A 24 -7.87 -19.99 -21.08
C ILE A 24 -8.52 -19.68 -22.45
N ALA A 25 -9.08 -18.47 -22.58
CA ALA A 25 -9.67 -18.01 -23.83
C ALA A 25 -8.62 -17.88 -24.93
N GLU A 26 -7.48 -17.30 -24.61
CA GLU A 26 -6.37 -17.14 -25.55
C GLU A 26 -5.92 -18.48 -26.12
N LYS A 27 -5.80 -19.47 -25.22
CA LYS A 27 -5.38 -20.83 -25.58
C LYS A 27 -6.39 -21.50 -26.52
N GLU A 28 -7.67 -21.43 -26.16
CA GLU A 28 -8.72 -22.00 -27.01
C GLU A 28 -8.75 -21.37 -28.40
N LEU A 29 -8.54 -20.05 -28.48
CA LEU A 29 -8.48 -19.38 -29.79
C LEU A 29 -7.31 -19.89 -30.62
N SER A 30 -6.15 -20.06 -29.99
CA SER A 30 -4.99 -20.57 -30.74
C SER A 30 -5.23 -22.00 -31.22
N ILE A 31 -5.90 -22.83 -30.40
CA ILE A 31 -6.31 -24.17 -30.81
C ILE A 31 -7.19 -24.10 -32.07
N MET A 32 -8.21 -23.24 -32.00
CA MET A 32 -9.14 -23.04 -33.10
C MET A 32 -8.39 -22.58 -34.36
N ARG A 33 -7.44 -21.67 -34.21
CA ARG A 33 -6.69 -21.13 -35.35
C ARG A 33 -5.86 -22.20 -36.07
N ASN A 34 -5.30 -23.14 -35.31
CA ASN A 34 -4.59 -24.26 -35.89
C ASN A 34 -5.54 -25.34 -36.43
N ALA A 35 -6.65 -25.58 -35.73
CA ALA A 35 -7.59 -26.64 -36.12
C ALA A 35 -8.32 -26.41 -37.45
N ILE A 36 -8.54 -25.15 -37.83
CA ILE A 36 -9.33 -24.85 -39.02
C ILE A 36 -8.69 -25.41 -40.30
N ASP A 37 -7.37 -25.56 -40.29
CA ASP A 37 -6.65 -26.11 -41.45
C ASP A 37 -6.92 -27.58 -41.70
N LYS A 38 -7.43 -28.28 -40.69
CA LYS A 38 -7.68 -29.72 -40.82
C LYS A 38 -9.10 -30.01 -41.29
N GLU A 39 -9.24 -30.67 -42.43
CA GLU A 39 -10.59 -30.87 -42.96
C GLU A 39 -11.37 -31.99 -42.25
N ASP A 40 -10.73 -32.69 -41.31
CA ASP A 40 -11.47 -33.54 -40.37
C ASP A 40 -11.89 -32.79 -39.08
N GLU A 41 -11.82 -31.47 -39.14
CA GLU A 41 -12.27 -30.61 -38.04
C GLU A 41 -13.22 -29.53 -38.56
N CYS A 42 -14.20 -29.19 -37.73
CA CYS A 42 -15.07 -28.05 -37.96
C CYS A 42 -15.12 -27.22 -36.70
N ILE A 43 -14.47 -26.06 -36.72
CA ILE A 43 -14.24 -25.28 -35.50
C ILE A 43 -15.50 -24.63 -34.94
N LEU A 44 -16.59 -24.71 -35.69
CA LEU A 44 -17.89 -24.24 -35.24
C LEU A 44 -18.34 -24.94 -33.96
N CYS A 45 -17.86 -26.16 -33.73
CA CYS A 45 -18.19 -26.90 -32.53
C CYS A 45 -17.58 -26.29 -31.27
N LYS A 46 -16.64 -25.36 -31.43
CA LYS A 46 -15.94 -24.76 -30.29
C LYS A 46 -16.44 -23.35 -29.91
N MET A 47 -17.36 -22.82 -30.70
CA MET A 47 -17.83 -21.44 -30.53
C MET A 47 -18.57 -21.19 -29.20
N GLU A 48 -19.44 -22.12 -28.83
CA GLU A 48 -20.15 -22.07 -27.55
C GLU A 48 -19.14 -21.96 -26.39
N ASP A 49 -18.15 -22.84 -26.39
CA ASP A 49 -17.07 -22.82 -25.39
C ASP A 49 -16.39 -21.46 -25.30
N ILE A 50 -15.90 -20.93 -26.41
CA ILE A 50 -15.20 -19.63 -26.37
C ILE A 50 -16.12 -18.49 -25.92
N HIS A 51 -17.38 -18.51 -26.35
CA HIS A 51 -18.35 -17.53 -25.87
C HIS A 51 -18.48 -17.56 -24.35
N HIS A 52 -18.62 -18.76 -23.78
CA HIS A 52 -18.67 -18.96 -22.33
C HIS A 52 -17.42 -18.42 -21.62
N MET A 53 -16.25 -18.72 -22.19
CA MET A 53 -14.97 -18.29 -21.66
C MET A 53 -14.92 -16.77 -21.56
N LEU A 54 -15.40 -16.12 -22.61
CA LEU A 54 -15.44 -14.67 -22.65
C LEU A 54 -16.44 -14.11 -21.65
N ALA A 55 -17.56 -14.82 -21.47
CA ALA A 55 -18.55 -14.47 -20.45
C ALA A 55 -17.94 -14.55 -19.05
N ASN A 56 -17.13 -15.59 -18.81
CA ASN A 56 -16.38 -15.74 -17.58
C ASN A 56 -15.34 -14.62 -17.36
N VAL A 57 -14.62 -14.24 -18.40
CA VAL A 57 -13.69 -13.11 -18.30
C VAL A 57 -14.46 -11.89 -17.82
N GLN A 58 -15.61 -11.63 -18.44
CA GLN A 58 -16.42 -10.45 -18.12
C GLN A 58 -16.88 -10.48 -16.66
N THR A 59 -17.33 -11.64 -16.20
CA THR A 59 -17.81 -11.82 -14.83
C THR A 59 -16.70 -11.62 -13.80
N LEU A 60 -15.54 -12.24 -14.07
CA LEU A 60 -14.40 -12.14 -13.15
C LEU A 60 -13.89 -10.70 -13.08
N ALA A 61 -13.77 -10.06 -14.23
CA ALA A 61 -13.26 -8.68 -14.27
C ALA A 61 -14.18 -7.72 -13.51
N ALA A 62 -15.49 -7.89 -13.70
CA ALA A 62 -16.47 -7.04 -13.00
C ALA A 62 -16.39 -7.24 -11.49
N THR A 63 -16.31 -8.50 -11.05
CA THR A 63 -16.14 -8.82 -9.64
C THR A 63 -14.85 -8.20 -9.10
N TYR A 64 -13.77 -8.28 -9.89
CA TYR A 64 -12.50 -7.67 -9.50
C TYR A 64 -12.64 -6.16 -9.29
N TYR A 65 -13.19 -5.46 -10.28
CA TYR A 65 -13.30 -4.01 -10.14
C TYR A 65 -14.24 -3.54 -9.02
N ILE A 66 -15.35 -4.23 -8.82
CA ILE A 66 -16.28 -3.88 -7.73
C ILE A 66 -15.50 -4.00 -6.41
N GLN A 67 -14.78 -5.12 -6.26
CA GLN A 67 -13.95 -5.35 -5.07
C GLN A 67 -12.85 -4.30 -4.88
N ALA A 68 -12.09 -4.01 -5.93
CA ALA A 68 -10.98 -3.07 -5.87
C ALA A 68 -11.44 -1.64 -5.62
N TYR A 69 -12.52 -1.23 -6.29
CA TYR A 69 -13.04 0.14 -6.17
C TYR A 69 -13.89 0.40 -4.93
N LEU A 70 -14.58 -0.64 -4.43
CA LEU A 70 -15.53 -0.46 -3.34
C LEU A 70 -15.09 -1.00 -1.96
N SER A 71 -14.22 -2.00 -1.92
CA SER A 71 -13.90 -2.62 -0.63
C SER A 71 -13.35 -1.66 0.43
N PRO A 72 -12.59 -0.62 0.06
CA PRO A 72 -12.15 0.33 1.08
C PRO A 72 -13.26 1.21 1.64
N TYR A 73 -14.42 1.21 0.98
CA TYR A 73 -15.46 2.20 1.30
C TYR A 73 -16.78 1.61 1.77
N THR A 74 -16.97 0.32 1.56
CA THR A 74 -18.15 -0.34 2.05
C THR A 74 -17.85 -1.80 2.37
N GLU A 75 -18.59 -2.35 3.32
CA GLU A 75 -18.51 -3.78 3.59
C GLU A 75 -19.74 -4.46 3.04
N SER A 76 -20.54 -3.72 2.28
CA SER A 76 -21.81 -4.24 1.77
C SER A 76 -21.83 -4.57 0.27
N SER A 77 -20.69 -4.80 -0.35
CA SER A 77 -20.69 -4.99 -1.81
C SER A 77 -21.39 -6.27 -2.25
N SER A 78 -21.42 -7.31 -1.41
CA SER A 78 -22.12 -8.52 -1.81
C SER A 78 -23.65 -8.30 -1.84
N PHE A 79 -24.15 -7.55 -0.86
CA PHE A 79 -25.58 -7.19 -0.79
C PHE A 79 -25.98 -6.31 -1.96
N ILE A 80 -25.14 -5.32 -2.28
CA ILE A 80 -25.36 -4.44 -3.42
C ILE A 80 -25.37 -5.28 -4.71
N THR A 81 -24.39 -6.16 -4.89
CA THR A 81 -24.30 -7.04 -6.06
C THR A 81 -25.55 -7.92 -6.20
N THR A 82 -25.98 -8.54 -5.10
CA THR A 82 -27.21 -9.34 -5.11
C THR A 82 -28.43 -8.52 -5.57
N ALA A 83 -28.60 -7.33 -4.99
CA ALA A 83 -29.71 -6.47 -5.36
C ALA A 83 -29.66 -6.13 -6.85
N ILE A 84 -28.48 -5.75 -7.33
CA ILE A 84 -28.26 -5.40 -8.73
C ILE A 84 -28.60 -6.54 -9.69
N GLN A 85 -28.17 -7.76 -9.34
CA GLN A 85 -28.50 -8.96 -10.12
C GLN A 85 -30.00 -9.15 -10.23
N HIS A 86 -30.70 -8.99 -9.11
CA HIS A 86 -32.15 -9.17 -9.05
C HIS A 86 -32.89 -8.11 -9.83
N LEU A 87 -32.47 -6.86 -9.68
CA LEU A 87 -33.04 -5.75 -10.42
C LEU A 87 -32.80 -5.91 -11.92
N SER A 88 -31.59 -6.31 -12.30
CA SER A 88 -31.25 -6.55 -13.70
C SER A 88 -32.17 -7.59 -14.33
N ALA A 89 -32.32 -8.73 -13.66
CA ALA A 89 -33.18 -9.82 -14.13
C ALA A 89 -34.62 -9.35 -14.38
N ARG A 90 -35.14 -8.50 -13.49
CA ARG A 90 -36.50 -8.00 -13.56
C ARG A 90 -36.60 -6.77 -14.47
N LYS A 91 -35.46 -6.30 -14.97
CA LYS A 91 -35.39 -5.05 -15.73
C LYS A 91 -36.00 -3.86 -14.98
N HIS A 92 -35.67 -3.74 -13.70
CA HIS A 92 -36.07 -2.59 -12.89
C HIS A 92 -34.96 -1.57 -12.85
N GLY A 93 -35.23 -0.38 -13.38
CA GLY A 93 -34.26 0.71 -13.38
C GLY A 93 -33.77 1.00 -11.97
N ALA A 94 -32.47 1.22 -11.85
CA ALA A 94 -31.87 1.48 -10.55
C ALA A 94 -30.68 2.39 -10.72
N LEU A 95 -30.40 3.18 -9.68
CA LEU A 95 -29.31 4.14 -9.70
C LEU A 95 -28.76 4.22 -8.27
N ILE A 96 -27.60 3.60 -8.04
CA ILE A 96 -27.04 3.49 -6.69
C ILE A 96 -25.67 4.12 -6.59
N VAL A 97 -25.60 5.22 -5.84
CA VAL A 97 -24.35 5.96 -5.60
C VAL A 97 -23.63 5.33 -4.41
N VAL A 98 -22.37 4.91 -4.59
CA VAL A 98 -21.58 4.52 -3.44
C VAL A 98 -20.55 5.60 -3.15
N GLU A 99 -20.72 6.29 -2.02
CA GLU A 99 -19.78 7.30 -1.57
C GLU A 99 -18.41 6.67 -1.35
N ARG A 100 -17.38 7.34 -1.85
CA ARG A 100 -16.02 6.84 -1.69
C ARG A 100 -15.23 7.83 -0.80
N ASN A 101 -14.11 8.37 -1.28
CA ASN A 101 -13.31 9.26 -0.42
C ASN A 101 -13.89 10.68 -0.28
N GLU A 102 -14.66 11.13 -1.26
CA GLU A 102 -15.17 12.50 -1.26
C GLU A 102 -16.65 12.58 -0.84
N THR A 103 -16.95 13.56 0.01
CA THR A 103 -18.33 13.76 0.49
C THR A 103 -19.20 14.38 -0.61
N LEU A 104 -20.51 14.09 -0.55
CA LEU A 104 -21.37 14.35 -1.70
C LEU A 104 -22.57 15.25 -1.43
N GLU A 105 -22.68 15.76 -0.20
CA GLU A 105 -23.89 16.50 0.21
C GLU A 105 -24.12 17.81 -0.59
N ALA A 106 -23.06 18.43 -1.09
CA ALA A 106 -23.21 19.64 -1.89
C ALA A 106 -23.60 19.34 -3.35
N LEU A 107 -23.45 18.07 -3.74
CA LEU A 107 -23.68 17.67 -5.13
C LEU A 107 -25.00 16.94 -5.36
N ILE A 108 -25.56 16.38 -4.28
CA ILE A 108 -26.77 15.58 -4.36
C ILE A 108 -27.90 16.35 -3.68
N GLN A 109 -29.03 16.47 -4.36
CA GLN A 109 -30.21 17.02 -3.73
C GLN A 109 -31.02 15.86 -3.13
N THR A 110 -31.16 15.87 -1.81
CA THR A 110 -31.78 14.75 -1.09
C THR A 110 -33.27 14.62 -1.39
N GLY A 111 -33.72 13.39 -1.67
CA GLY A 111 -35.14 13.11 -1.80
C GLY A 111 -35.69 12.85 -0.41
N THR A 112 -35.64 11.58 -0.01
CA THR A 112 -36.10 11.15 1.30
C THR A 112 -34.93 10.55 2.07
N THR A 113 -34.75 10.97 3.33
CA THR A 113 -33.69 10.43 4.17
C THR A 113 -34.16 9.13 4.83
N LEU A 114 -33.34 8.09 4.73
CA LEU A 114 -33.62 6.80 5.40
C LEU A 114 -32.65 6.48 6.54
N ASN A 115 -31.35 6.74 6.33
CA ASN A 115 -30.33 6.30 7.29
C ASN A 115 -30.57 4.85 7.74
N ALA A 116 -30.83 3.97 6.76
CA ALA A 116 -31.23 2.57 7.01
C ALA A 116 -30.10 1.57 6.89
N HIS A 117 -30.23 0.45 7.59
CA HIS A 117 -29.37 -0.70 7.39
C HIS A 117 -29.51 -1.14 5.93
N LEU A 118 -28.37 -1.27 5.24
CA LEU A 118 -28.40 -1.67 3.83
C LEU A 118 -28.59 -3.17 3.75
N THR A 119 -29.66 -3.59 3.08
CA THR A 119 -29.87 -5.02 2.76
C THR A 119 -30.30 -5.07 1.31
N ALA A 120 -30.15 -6.23 0.67
CA ALA A 120 -30.66 -6.40 -0.67
C ALA A 120 -32.19 -6.24 -0.78
N PRO A 121 -33.00 -6.91 0.09
CA PRO A 121 -34.44 -6.63 -0.02
C PRO A 121 -34.80 -5.12 0.01
N LEU A 122 -34.13 -4.34 0.84
CA LEU A 122 -34.48 -2.92 0.91
C LEU A 122 -34.12 -2.17 -0.38
N LEU A 123 -32.95 -2.45 -0.94
CA LEU A 123 -32.55 -1.81 -2.20
C LEU A 123 -33.54 -2.19 -3.30
N GLU A 124 -33.93 -3.47 -3.31
CA GLU A 124 -34.85 -3.94 -4.35
C GLU A 124 -36.25 -3.34 -4.19
N SER A 125 -36.67 -3.14 -2.95
CA SER A 125 -37.95 -2.52 -2.64
C SER A 125 -37.97 -1.05 -3.11
N ILE A 126 -36.87 -0.34 -2.83
CA ILE A 126 -36.76 1.08 -3.24
C ILE A 126 -36.97 1.27 -4.74
N PHE A 127 -36.41 0.35 -5.54
CA PHE A 127 -36.47 0.45 -7.00
C PHE A 127 -37.57 -0.38 -7.67
N TYR A 128 -38.54 -0.82 -6.88
CA TYR A 128 -39.71 -1.49 -7.47
C TYR A 128 -40.51 -0.48 -8.29
N PRO A 129 -40.77 -0.78 -9.58
CA PRO A 129 -41.37 0.24 -10.44
C PRO A 129 -42.73 0.73 -9.96
N GLY A 130 -42.94 2.03 -10.06
CA GLY A 130 -44.20 2.65 -9.66
C GLY A 130 -44.25 3.15 -8.22
N ASN A 131 -43.35 2.68 -7.35
CA ASN A 131 -43.41 3.04 -5.93
C ASN A 131 -42.88 4.46 -5.65
N PRO A 132 -43.24 5.05 -4.49
CA PRO A 132 -42.82 6.41 -4.18
C PRO A 132 -41.31 6.71 -4.21
N LEU A 133 -40.45 5.70 -4.06
CA LEU A 133 -39.00 5.98 -3.93
C LEU A 133 -38.13 5.60 -5.13
N HIS A 134 -38.78 5.10 -6.18
CA HIS A 134 -38.05 4.51 -7.30
C HIS A 134 -37.40 5.55 -8.21
N ASP A 135 -37.97 6.75 -8.27
CA ASP A 135 -37.52 7.77 -9.23
C ASP A 135 -36.39 8.65 -8.65
N GLY A 136 -35.15 8.28 -8.92
CA GLY A 136 -33.99 9.02 -8.40
C GLY A 136 -32.95 8.05 -7.86
N ALA A 137 -31.90 8.57 -7.23
CA ALA A 137 -30.77 7.77 -6.81
C ALA A 137 -30.82 7.40 -5.34
N VAL A 138 -30.34 6.20 -5.03
CA VAL A 138 -30.02 5.84 -3.66
C VAL A 138 -28.57 6.27 -3.37
N LEU A 139 -28.34 6.80 -2.18
CA LEU A 139 -26.99 7.09 -1.72
C LEU A 139 -26.61 6.07 -0.65
N VAL A 140 -25.45 5.44 -0.82
CA VAL A 140 -24.95 4.45 0.15
C VAL A 140 -23.67 5.02 0.77
N LYS A 141 -23.60 5.02 2.10
CA LYS A 141 -22.36 5.36 2.78
C LYS A 141 -22.02 4.15 3.64
N ASN A 142 -20.95 3.45 3.26
CA ASN A 142 -20.54 2.22 3.95
C ASN A 142 -21.67 1.19 3.99
N ASN A 143 -22.24 0.92 5.17
CA ASN A 143 -23.28 -0.11 5.28
C ASN A 143 -24.66 0.48 5.54
N HIS A 144 -24.85 1.75 5.17
CA HIS A 144 -26.16 2.41 5.33
C HIS A 144 -26.68 2.90 3.98
N ILE A 145 -28.00 2.86 3.82
CA ILE A 145 -28.67 3.56 2.75
C ILE A 145 -29.01 4.91 3.37
N VAL A 146 -28.28 5.94 2.96
CA VAL A 146 -28.48 7.27 3.54
C VAL A 146 -29.85 7.80 3.14
N SER A 147 -30.15 7.73 1.84
CA SER A 147 -31.32 8.37 1.27
C SER A 147 -31.66 7.76 -0.08
N ALA A 148 -32.85 8.09 -0.59
CA ALA A 148 -33.33 7.59 -1.87
C ALA A 148 -34.08 8.69 -2.59
N ALA A 149 -34.44 8.44 -3.86
CA ALA A 149 -35.12 9.43 -4.68
C ALA A 149 -34.30 10.72 -4.80
N ASN A 150 -32.97 10.58 -4.72
CA ASN A 150 -32.07 11.74 -4.77
C ASN A 150 -31.92 12.25 -6.21
N ILE A 151 -31.62 13.53 -6.35
CA ILE A 151 -31.34 14.13 -7.65
C ILE A 151 -29.84 14.39 -7.82
N LEU A 152 -29.27 13.86 -8.90
CA LEU A 152 -27.85 14.02 -9.22
C LEU A 152 -27.67 14.98 -10.39
N PRO A 153 -26.47 15.58 -10.54
CA PRO A 153 -26.21 16.42 -11.74
C PRO A 153 -26.11 15.53 -13.00
N LEU A 154 -26.64 16.01 -14.12
CA LEU A 154 -26.60 15.23 -15.35
C LEU A 154 -25.40 15.67 -16.16
N THR A 155 -24.68 14.71 -16.75
CA THR A 155 -23.58 15.09 -17.63
C THR A 155 -24.07 15.95 -18.81
N LYS A 156 -23.27 16.94 -19.18
CA LYS A 156 -23.50 17.75 -20.38
C LYS A 156 -22.70 17.20 -21.55
N SER A 157 -21.77 16.29 -21.25
CA SER A 157 -20.83 15.78 -22.25
C SER A 157 -21.48 15.48 -23.59
N THR A 158 -20.92 16.07 -24.63
CA THR A 158 -21.37 15.83 -26.01
C THR A 158 -20.79 14.51 -26.54
N GLU A 159 -19.71 14.07 -25.90
CA GLU A 159 -18.97 12.85 -26.30
C GLU A 159 -19.56 11.56 -25.74
N VAL A 160 -20.79 11.62 -25.21
CA VAL A 160 -21.44 10.44 -24.63
C VAL A 160 -22.09 9.56 -25.71
N ASP A 161 -22.71 8.47 -25.26
CA ASP A 161 -23.64 7.70 -26.09
C ASP A 161 -24.96 8.46 -26.08
N PRO A 162 -25.45 8.87 -27.27
CA PRO A 162 -26.71 9.65 -27.38
C PRO A 162 -27.97 8.85 -27.03
N GLU A 163 -27.87 7.52 -27.00
CA GLU A 163 -28.99 6.67 -26.61
C GLU A 163 -29.12 6.51 -25.08
N LEU A 164 -28.30 7.24 -24.32
CA LEU A 164 -28.30 7.14 -22.86
C LEU A 164 -29.42 7.98 -22.23
N GLY A 165 -30.20 7.32 -21.37
CA GLY A 165 -31.26 7.98 -20.62
C GLY A 165 -30.76 8.76 -19.42
N THR A 166 -31.68 9.36 -18.70
CA THR A 166 -31.35 10.26 -17.59
C THR A 166 -30.66 9.55 -16.41
N ARG A 167 -30.99 8.27 -16.17
CA ARG A 167 -30.31 7.48 -15.15
C ARG A 167 -28.82 7.40 -15.43
N HIS A 168 -28.48 7.04 -16.66
CA HIS A 168 -27.09 6.89 -17.05
C HIS A 168 -26.37 8.23 -17.05
N ARG A 169 -27.05 9.27 -17.54
CA ARG A 169 -26.45 10.60 -17.56
C ARG A 169 -26.21 11.17 -16.15
N ALA A 170 -27.06 10.78 -15.19
CA ALA A 170 -26.91 11.23 -13.80
C ALA A 170 -25.71 10.55 -13.13
N ALA A 171 -25.54 9.26 -13.44
CA ALA A 171 -24.41 8.49 -12.96
C ALA A 171 -23.12 9.09 -13.48
N ILE A 172 -23.05 9.30 -14.80
CA ILE A 172 -21.88 9.88 -15.42
C ILE A 172 -21.65 11.26 -14.82
N GLY A 173 -22.72 12.03 -14.68
CA GLY A 173 -22.66 13.41 -14.21
C GLY A 173 -22.09 13.54 -12.81
N LEU A 174 -22.53 12.67 -11.90
CA LEU A 174 -21.99 12.69 -10.54
C LEU A 174 -20.53 12.22 -10.53
N SER A 175 -20.21 11.22 -11.35
CA SER A 175 -18.87 10.67 -11.40
C SER A 175 -17.82 11.66 -11.92
N GLU A 176 -18.27 12.71 -12.62
CA GLU A 176 -17.41 13.79 -13.14
C GLU A 176 -17.03 14.80 -12.06
N LYS A 177 -17.83 14.88 -11.00
CA LYS A 177 -17.66 15.91 -9.97
C LYS A 177 -17.12 15.35 -8.66
N SER A 178 -16.98 14.04 -8.60
CA SER A 178 -16.55 13.33 -7.39
C SER A 178 -15.93 11.99 -7.72
N ASP A 179 -15.35 11.36 -6.72
CA ASP A 179 -14.78 10.03 -6.87
C ASP A 179 -15.83 8.94 -6.54
N ALA A 180 -17.10 9.32 -6.43
CA ALA A 180 -18.15 8.32 -6.19
C ALA A 180 -18.23 7.28 -7.31
N LEU A 181 -18.59 6.04 -6.97
CA LEU A 181 -18.87 5.05 -7.99
C LEU A 181 -20.39 4.92 -8.08
N ILE A 182 -20.96 5.00 -9.27
CA ILE A 182 -22.43 4.97 -9.40
C ILE A 182 -22.90 3.81 -10.26
N LEU A 183 -23.62 2.87 -9.66
CA LEU A 183 -24.15 1.71 -10.34
C LEU A 183 -25.48 2.07 -11.00
N VAL A 184 -25.69 1.53 -12.21
CA VAL A 184 -26.94 1.74 -12.94
C VAL A 184 -27.48 0.39 -13.42
N VAL A 185 -28.80 0.20 -13.31
CA VAL A 185 -29.52 -0.87 -14.01
C VAL A 185 -30.46 -0.17 -14.98
N SER A 186 -30.37 -0.53 -16.25
CA SER A 186 -31.28 0.02 -17.25
C SER A 186 -32.66 -0.61 -17.15
N GLU A 187 -33.69 0.23 -17.10
CA GLU A 187 -35.08 -0.25 -17.12
C GLU A 187 -35.49 -0.81 -18.49
N GLU A 188 -34.78 -0.40 -19.54
CA GLU A 188 -35.06 -0.89 -20.90
C GLU A 188 -34.54 -2.29 -21.16
N THR A 189 -33.30 -2.56 -20.77
CA THR A 189 -32.62 -3.81 -21.14
C THR A 189 -32.16 -4.65 -19.96
N GLY A 190 -32.12 -4.06 -18.77
CA GLY A 190 -31.52 -4.73 -17.61
C GLY A 190 -30.00 -4.72 -17.58
N ARG A 191 -29.38 -4.10 -18.59
CA ARG A 191 -27.92 -3.95 -18.60
C ARG A 191 -27.47 -3.21 -17.34
N THR A 192 -26.42 -3.72 -16.71
CA THR A 192 -25.87 -3.08 -15.53
C THR A 192 -24.52 -2.46 -15.85
N SER A 193 -24.33 -1.22 -15.36
CA SER A 193 -23.14 -0.41 -15.57
C SER A 193 -22.68 0.22 -14.25
N PHE A 194 -21.45 0.72 -14.22
CA PHE A 194 -21.12 1.75 -13.23
C PHE A 194 -20.38 2.89 -13.88
N ALA A 195 -20.57 4.10 -13.34
CA ALA A 195 -19.80 5.25 -13.75
C ALA A 195 -18.73 5.56 -12.71
N LEU A 196 -17.55 5.88 -13.22
CA LEU A 196 -16.43 6.26 -12.37
C LEU A 196 -15.58 7.27 -13.14
N ASN A 197 -15.36 8.42 -12.54
CA ASN A 197 -14.54 9.48 -13.15
C ASN A 197 -14.94 9.83 -14.59
N GLY A 198 -16.25 9.96 -14.82
CA GLY A 198 -16.74 10.45 -16.11
C GLY A 198 -16.89 9.37 -17.17
N ILE A 199 -16.59 8.12 -16.82
CA ILE A 199 -16.65 7.02 -17.77
C ILE A 199 -17.65 5.96 -17.33
N LEU A 200 -18.48 5.50 -18.25
CA LEU A 200 -19.46 4.45 -17.97
C LEU A 200 -18.92 3.09 -18.42
N TYR A 201 -18.93 2.11 -17.51
CA TYR A 201 -18.44 0.75 -17.79
C TYR A 201 -19.55 -0.27 -17.65
N THR A 202 -19.69 -1.13 -18.65
CA THR A 202 -20.65 -2.23 -18.59
C THR A 202 -20.11 -3.29 -17.66
N ILE A 203 -20.96 -3.81 -16.79
CA ILE A 203 -20.59 -4.93 -15.94
C ILE A 203 -21.58 -6.07 -16.14
N SER A 204 -21.10 -7.29 -15.94
CA SER A 204 -21.97 -8.46 -15.96
C SER A 204 -21.76 -9.25 -14.68
N LEU A 205 -22.80 -9.36 -13.86
CA LEU A 205 -22.73 -10.20 -12.66
C LEU A 205 -24.03 -10.97 -12.34
N SER B 2 10.17 -3.91 10.95
CA SER B 2 9.24 -5.09 11.01
C SER B 2 8.57 -5.24 9.65
N ASN B 3 7.83 -6.33 9.47
CA ASN B 3 7.14 -6.60 8.21
C ASN B 3 5.95 -5.64 8.02
N ALA B 4 6.12 -4.67 7.12
CA ALA B 4 5.07 -3.68 6.90
C ALA B 4 3.70 -4.25 6.50
N MET B 5 3.69 -5.36 5.73
CA MET B 5 2.42 -6.01 5.35
C MET B 5 1.71 -6.52 6.61
N HIS B 6 2.45 -7.24 7.45
CA HIS B 6 1.94 -7.73 8.72
C HIS B 6 1.47 -6.58 9.64
N GLU B 7 2.28 -5.53 9.75
CA GLU B 7 1.95 -4.39 10.60
C GLU B 7 0.69 -3.66 10.11
N TRP B 8 0.51 -3.61 8.80
CA TRP B 8 -0.66 -2.98 8.21
C TRP B 8 -1.94 -3.74 8.62
N GLY B 9 -1.88 -5.07 8.55
CA GLY B 9 -2.94 -5.92 9.07
C GLY B 9 -3.23 -5.64 10.53
N LEU B 10 -2.19 -5.44 11.34
CA LEU B 10 -2.42 -5.16 12.77
C LEU B 10 -3.08 -3.80 12.97
N SER B 11 -2.62 -2.79 12.23
CA SER B 11 -3.21 -1.48 12.28
C SER B 11 -4.69 -1.57 11.93
N GLU B 12 -4.99 -2.29 10.85
CA GLU B 12 -6.35 -2.40 10.36
C GLU B 12 -7.25 -3.11 11.36
N GLU B 13 -6.72 -4.08 12.08
CA GLU B 13 -7.52 -4.75 13.11
C GLU B 13 -7.79 -3.86 14.32
N LEU B 14 -6.84 -2.99 14.66
CA LEU B 14 -7.03 -2.03 15.75
C LEU B 14 -8.11 -1.01 15.39
N LYS B 15 -8.12 -0.60 14.11
CA LYS B 15 -9.17 0.25 13.56
C LYS B 15 -10.55 -0.42 13.66
N ILE B 16 -10.61 -1.70 13.31
CA ILE B 16 -11.84 -2.49 13.44
C ILE B 16 -12.33 -2.52 14.89
N GLN B 17 -11.43 -2.76 15.83
CA GLN B 17 -11.78 -2.80 17.25
C GLN B 17 -12.28 -1.45 17.76
N THR B 18 -11.67 -0.37 17.29
CA THR B 18 -12.11 0.98 17.64
C THR B 18 -13.53 1.24 17.14
N LYS B 19 -13.79 0.94 15.86
CA LYS B 19 -15.12 1.06 15.28
C LYS B 19 -16.16 0.26 16.06
N GLN B 20 -15.79 -0.95 16.46
CA GLN B 20 -16.68 -1.83 17.24
C GLN B 20 -17.04 -1.24 18.62
N MET B 21 -16.06 -0.61 19.30
CA MET B 21 -16.36 0.03 20.58
C MET B 21 -17.27 1.23 20.42
N ILE B 22 -17.10 1.97 19.33
CA ILE B 22 -17.96 3.10 19.02
C ILE B 22 -19.40 2.62 18.77
N GLU B 23 -19.55 1.53 18.03
CA GLU B 23 -20.88 0.94 17.77
C GLU B 23 -21.56 0.50 19.06
N ILE B 24 -20.79 -0.09 19.96
CA ILE B 24 -21.30 -0.49 21.26
C ILE B 24 -21.84 0.74 22.05
N ALA B 25 -21.05 1.82 22.06
CA ALA B 25 -21.43 3.06 22.73
C ALA B 25 -22.69 3.66 22.08
N GLU B 26 -22.71 3.72 20.76
CA GLU B 26 -23.86 4.22 20.00
C GLU B 26 -25.14 3.46 20.35
N LYS B 27 -25.02 2.14 20.43
CA LYS B 27 -26.15 1.27 20.75
C LYS B 27 -26.67 1.53 22.17
N GLU B 28 -25.76 1.63 23.13
CA GLU B 28 -26.15 1.91 24.51
C GLU B 28 -26.86 3.25 24.64
N LEU B 29 -26.38 4.27 23.91
CA LEU B 29 -27.03 5.57 23.93
C LEU B 29 -28.45 5.47 23.38
N SER B 30 -28.62 4.69 22.31
CA SER B 30 -29.93 4.51 21.71
C SER B 30 -30.89 3.82 22.67
N ILE B 31 -30.39 2.82 23.40
CA ILE B 31 -31.18 2.15 24.44
C ILE B 31 -31.62 3.15 25.52
N MET B 32 -30.68 3.94 26.01
CA MET B 32 -30.94 4.93 27.04
C MET B 32 -32.01 5.93 26.58
N ARG B 33 -31.91 6.38 25.32
CA ARG B 33 -32.82 7.35 24.72
C ARG B 33 -34.27 6.84 24.68
N ASN B 34 -34.43 5.55 24.40
CA ASN B 34 -35.75 4.93 24.45
C ASN B 34 -36.22 4.64 25.88
N ALA B 35 -35.30 4.19 26.74
CA ALA B 35 -35.64 3.79 28.12
C ALA B 35 -36.13 4.94 29.03
N ILE B 36 -35.71 6.17 28.72
CA ILE B 36 -36.04 7.30 29.60
C ILE B 36 -37.55 7.60 29.65
N ASP B 37 -38.27 7.26 28.58
CA ASP B 37 -39.72 7.41 28.54
C ASP B 37 -40.46 6.51 29.50
N LYS B 38 -39.83 5.41 29.91
CA LYS B 38 -40.49 4.45 30.81
C LYS B 38 -40.35 4.79 32.30
N GLU B 39 -41.50 4.97 32.96
CA GLU B 39 -41.51 5.39 34.36
C GLU B 39 -40.94 4.32 35.31
N ASP B 40 -40.87 3.07 34.86
CA ASP B 40 -40.22 2.00 35.63
C ASP B 40 -38.73 1.84 35.29
N GLU B 41 -38.15 2.88 34.70
CA GLU B 41 -36.73 2.89 34.43
C GLU B 41 -36.09 4.20 34.89
N CYS B 42 -34.85 4.12 35.34
CA CYS B 42 -34.05 5.28 35.63
C CYS B 42 -32.69 5.14 34.95
N ILE B 43 -32.47 5.91 33.89
CA ILE B 43 -31.31 5.69 33.03
C ILE B 43 -29.97 6.07 33.67
N LEU B 44 -30.04 6.69 34.85
CA LEU B 44 -28.85 6.99 35.63
C LEU B 44 -28.05 5.74 35.95
N CYS B 45 -28.71 4.59 36.00
CA CYS B 45 -28.02 3.34 36.29
C CYS B 45 -27.07 2.93 35.16
N LYS B 46 -27.23 3.51 33.97
CA LYS B 46 -26.41 3.15 32.80
C LYS B 46 -25.23 4.08 32.53
N MET B 47 -25.08 5.12 33.35
CA MET B 47 -24.10 6.17 33.05
C MET B 47 -22.66 5.70 33.20
N GLU B 48 -22.38 4.89 34.23
CA GLU B 48 -21.05 4.36 34.45
C GLU B 48 -20.63 3.45 33.28
N ASP B 49 -21.57 2.60 32.81
CA ASP B 49 -21.36 1.76 31.63
C ASP B 49 -20.96 2.59 30.39
N ILE B 50 -21.72 3.64 30.11
CA ILE B 50 -21.42 4.47 28.93
C ILE B 50 -20.11 5.26 29.07
N HIS B 51 -19.80 5.75 30.26
CA HIS B 51 -18.50 6.38 30.52
C HIS B 51 -17.36 5.41 30.19
N HIS B 52 -17.50 4.16 30.65
CA HIS B 52 -16.52 3.12 30.41
C HIS B 52 -16.34 2.83 28.93
N MET B 53 -17.47 2.76 28.20
CA MET B 53 -17.48 2.51 26.78
C MET B 53 -16.70 3.60 26.04
N LEU B 54 -16.89 4.85 26.45
CA LEU B 54 -16.18 5.96 25.82
C LEU B 54 -14.69 5.95 26.22
N ALA B 55 -14.40 5.47 27.44
CA ALA B 55 -13.01 5.31 27.86
C ALA B 55 -12.30 4.29 26.97
N ASN B 56 -12.99 3.18 26.70
CA ASN B 56 -12.53 2.16 25.75
C ASN B 56 -12.35 2.69 24.32
N VAL B 57 -13.29 3.50 23.83
CA VAL B 57 -13.11 4.14 22.51
C VAL B 57 -11.76 4.89 22.51
N GLN B 58 -11.53 5.71 23.53
CA GLN B 58 -10.32 6.55 23.59
C GLN B 58 -9.05 5.70 23.59
N THR B 59 -9.05 4.63 24.38
CA THR B 59 -7.92 3.72 24.50
C THR B 59 -7.62 2.99 23.21
N LEU B 60 -8.67 2.50 22.55
CA LEU B 60 -8.50 1.79 21.27
C LEU B 60 -8.02 2.72 20.17
N ALA B 61 -8.64 3.90 20.09
CA ALA B 61 -8.24 4.86 19.08
C ALA B 61 -6.77 5.25 19.26
N ALA B 62 -6.36 5.46 20.51
CA ALA B 62 -4.98 5.86 20.80
C ALA B 62 -4.02 4.76 20.39
N THR B 63 -4.34 3.52 20.76
CA THR B 63 -3.55 2.36 20.36
C THR B 63 -3.48 2.27 18.83
N TYR B 64 -4.62 2.46 18.16
CA TYR B 64 -4.66 2.48 16.70
C TYR B 64 -3.69 3.50 16.12
N TYR B 65 -3.79 4.76 16.54
CA TYR B 65 -2.95 5.79 15.92
C TYR B 65 -1.46 5.64 16.22
N ILE B 66 -1.11 5.19 17.42
CA ILE B 66 0.30 4.96 17.76
C ILE B 66 0.85 3.89 16.79
N GLN B 67 0.09 2.80 16.63
CA GLN B 67 0.46 1.73 15.70
C GLN B 67 0.59 2.20 14.24
N ALA B 68 -0.44 2.88 13.72
CA ALA B 68 -0.46 3.38 12.35
C ALA B 68 0.64 4.41 12.05
N TYR B 69 0.84 5.36 12.97
CA TYR B 69 1.84 6.42 12.78
C TYR B 69 3.28 5.98 13.06
N LEU B 70 3.47 5.04 13.98
CA LEU B 70 4.81 4.66 14.42
C LEU B 70 5.35 3.34 13.89
N SER B 71 4.49 2.37 13.59
CA SER B 71 4.99 1.03 13.25
C SER B 71 5.95 0.97 12.04
N PRO B 72 5.79 1.86 11.05
CA PRO B 72 6.77 1.86 9.96
C PRO B 72 8.15 2.39 10.36
N TYR B 73 8.26 2.98 11.55
CA TYR B 73 9.47 3.72 11.91
C TYR B 73 10.14 3.23 13.18
N THR B 74 9.45 2.41 13.96
CA THR B 74 10.08 1.84 15.13
C THR B 74 9.49 0.49 15.43
N GLU B 75 10.27 -0.37 16.05
CA GLU B 75 9.74 -1.64 16.54
C GLU B 75 9.59 -1.59 18.05
N SER B 76 9.78 -0.40 18.60
CA SER B 76 9.76 -0.22 20.07
C SER B 76 8.50 0.47 20.65
N SER B 77 7.41 0.50 19.89
CA SER B 77 6.24 1.26 20.37
C SER B 77 5.65 0.71 21.67
N SER B 78 5.74 -0.59 21.91
CA SER B 78 5.22 -1.15 23.16
C SER B 78 6.05 -0.70 24.38
N PHE B 79 7.38 -0.67 24.21
CA PHE B 79 8.29 -0.17 25.25
C PHE B 79 8.04 1.31 25.52
N ILE B 80 7.87 2.09 24.45
CA ILE B 80 7.59 3.52 24.57
C ILE B 80 6.25 3.71 25.32
N THR B 81 5.24 2.92 24.93
CA THR B 81 3.91 3.00 25.55
C THR B 81 3.96 2.68 27.04
N THR B 82 4.66 1.60 27.41
CA THR B 82 4.86 1.23 28.81
C THR B 82 5.51 2.35 29.62
N ALA B 83 6.59 2.92 29.07
CA ALA B 83 7.28 4.01 29.74
C ALA B 83 6.33 5.18 29.97
N ILE B 84 5.61 5.57 28.92
CA ILE B 84 4.63 6.68 28.97
C ILE B 84 3.56 6.48 30.04
N GLN B 85 3.01 5.28 30.11
CA GLN B 85 2.00 4.90 31.10
C GLN B 85 2.56 5.10 32.50
N HIS B 86 3.78 4.61 32.72
CA HIS B 86 4.44 4.73 34.03
C HIS B 86 4.74 6.17 34.40
N LEU B 87 5.24 6.92 33.42
CA LEU B 87 5.52 8.34 33.60
C LEU B 87 4.24 9.13 33.88
N SER B 88 3.17 8.82 33.15
CA SER B 88 1.88 9.47 33.37
C SER B 88 1.36 9.27 34.80
N ALA B 89 1.37 8.02 35.26
CA ALA B 89 0.88 7.66 36.59
C ALA B 89 1.63 8.39 37.72
N ARG B 90 2.91 8.65 37.51
CA ARG B 90 3.76 9.32 38.49
C ARG B 90 3.76 10.83 38.29
N LYS B 91 3.04 11.29 37.26
CA LYS B 91 3.07 12.69 36.82
C LYS B 91 4.49 13.23 36.63
N HIS B 92 5.34 12.44 35.97
CA HIS B 92 6.69 12.88 35.58
C HIS B 92 6.67 13.41 34.17
N GLY B 93 6.97 14.70 34.01
CA GLY B 93 7.04 15.31 32.69
C GLY B 93 7.95 14.56 31.75
N ALA B 94 7.52 14.39 30.50
CA ALA B 94 8.33 13.70 29.52
C ALA B 94 8.08 14.27 28.14
N LEU B 95 9.09 14.14 27.28
CA LEU B 95 9.04 14.69 25.93
C LEU B 95 9.87 13.76 25.05
N ILE B 96 9.18 12.93 24.27
CA ILE B 96 9.82 11.90 23.46
C ILE B 96 9.56 12.07 21.96
N VAL B 97 10.61 12.41 21.23
CA VAL B 97 10.54 12.58 19.77
C VAL B 97 10.77 11.23 19.09
N VAL B 98 9.81 10.78 18.28
CA VAL B 98 10.06 9.63 17.44
C VAL B 98 10.30 10.08 16.00
N GLU B 99 11.54 9.91 15.53
CA GLU B 99 11.89 10.26 14.17
C GLU B 99 11.11 9.38 13.20
N ARG B 100 10.56 10.01 12.17
CA ARG B 100 9.81 9.25 11.18
C ARG B 100 10.55 9.27 9.83
N ASN B 101 9.92 9.77 8.77
CA ASN B 101 10.59 9.76 7.46
C ASN B 101 11.65 10.85 7.30
N GLU B 102 11.53 11.93 8.05
CA GLU B 102 12.43 13.07 7.89
C GLU B 102 13.49 13.16 8.98
N THR B 103 14.73 13.44 8.57
CA THR B 103 15.84 13.55 9.53
C THR B 103 15.78 14.89 10.28
N LEU B 104 16.28 14.89 11.51
CA LEU B 104 15.97 15.93 12.47
C LEU B 104 17.19 16.66 13.01
N GLU B 105 18.38 16.29 12.55
CA GLU B 105 19.61 16.83 13.13
C GLU B 105 19.78 18.36 12.99
N ALA B 106 19.19 18.94 11.95
CA ALA B 106 19.28 20.40 11.78
C ALA B 106 18.25 21.14 12.64
N LEU B 107 17.27 20.39 13.16
CA LEU B 107 16.17 20.99 13.93
C LEU B 107 16.29 20.83 15.44
N ILE B 108 17.08 19.85 15.87
CA ILE B 108 17.23 19.52 17.29
C ILE B 108 18.64 19.91 17.73
N GLN B 109 18.74 20.65 18.83
CA GLN B 109 20.05 20.88 19.44
C GLN B 109 20.30 19.79 20.47
N THR B 110 21.35 19.01 20.23
CA THR B 110 21.61 17.82 21.03
C THR B 110 22.04 18.18 22.45
N GLY B 111 21.48 17.48 23.42
CA GLY B 111 21.92 17.60 24.81
C GLY B 111 23.07 16.64 25.03
N THR B 112 22.73 15.42 25.43
CA THR B 112 23.71 14.36 25.68
C THR B 112 23.42 13.22 24.71
N THR B 113 24.45 12.73 24.02
CA THR B 113 24.29 11.61 23.10
C THR B 113 24.38 10.32 23.89
N LEU B 114 23.43 9.42 23.66
CA LEU B 114 23.41 8.10 24.28
C LEU B 114 23.63 6.96 23.28
N ASN B 115 22.95 7.02 22.12
CA ASN B 115 22.98 5.89 21.17
C ASN B 115 22.73 4.55 21.90
N ALA B 116 21.69 4.55 22.75
CA ALA B 116 21.41 3.42 23.65
C ALA B 116 20.30 2.51 23.15
N HIS B 117 20.33 1.25 23.57
CA HIS B 117 19.22 0.36 23.41
C HIS B 117 17.99 0.95 24.10
N LEU B 118 16.88 1.05 23.39
CA LEU B 118 15.67 1.62 23.97
C LEU B 118 14.98 0.59 24.83
N THR B 119 14.79 0.91 26.11
CA THR B 119 13.96 0.10 27.02
C THR B 119 13.08 1.02 27.84
N ALA B 120 12.01 0.49 28.40
CA ALA B 120 11.15 1.30 29.28
C ALA B 120 11.89 1.82 30.52
N PRO B 121 12.60 0.94 31.28
CA PRO B 121 13.36 1.48 32.42
C PRO B 121 14.30 2.66 32.06
N LEU B 122 14.97 2.62 30.92
CA LEU B 122 15.86 3.72 30.56
C LEU B 122 15.09 5.01 30.27
N LEU B 123 13.99 4.91 29.52
CA LEU B 123 13.17 6.10 29.27
C LEU B 123 12.69 6.70 30.58
N GLU B 124 12.25 5.83 31.48
CA GLU B 124 11.71 6.26 32.76
C GLU B 124 12.79 6.87 33.65
N SER B 125 14.00 6.34 33.57
CA SER B 125 15.13 6.87 34.31
C SER B 125 15.50 8.28 33.81
N ILE B 126 15.54 8.44 32.50
CA ILE B 126 15.87 9.74 31.89
C ILE B 126 14.96 10.86 32.40
N PHE B 127 13.67 10.55 32.55
CA PHE B 127 12.66 11.53 32.94
C PHE B 127 12.30 11.56 34.44
N TYR B 128 13.10 10.89 35.27
CA TYR B 128 12.90 10.99 36.71
C TYR B 128 13.20 12.42 37.18
N PRO B 129 12.25 13.06 37.89
CA PRO B 129 12.39 14.50 38.16
C PRO B 129 13.65 14.83 38.96
N GLY B 130 14.30 15.91 38.58
CA GLY B 130 15.49 16.38 39.28
C GLY B 130 16.81 15.86 38.71
N ASN B 131 16.78 14.77 37.94
CA ASN B 131 18.03 14.15 37.43
C ASN B 131 18.66 14.96 36.28
N PRO B 132 19.97 14.78 36.03
CA PRO B 132 20.65 15.59 35.01
C PRO B 132 20.08 15.51 33.58
N LEU B 133 19.32 14.46 33.25
CA LEU B 133 18.83 14.32 31.86
C LEU B 133 17.33 14.59 31.65
N HIS B 134 16.61 15.01 32.69
CA HIS B 134 15.17 15.11 32.62
C HIS B 134 14.67 16.34 31.83
N ASP B 135 15.49 17.37 31.75
CA ASP B 135 15.06 18.68 31.22
C ASP B 135 15.32 18.76 29.71
N GLY B 136 14.31 18.46 28.91
CA GLY B 136 14.47 18.48 27.46
C GLY B 136 13.94 17.19 26.85
N ALA B 137 14.19 17.02 25.56
CA ALA B 137 13.60 15.92 24.78
C ALA B 137 14.53 14.74 24.62
N VAL B 138 13.94 13.55 24.66
CA VAL B 138 14.60 12.36 24.16
C VAL B 138 14.33 12.23 22.65
N LEU B 139 15.34 11.82 21.89
CA LEU B 139 15.19 11.47 20.49
C LEU B 139 15.30 9.95 20.32
N VAL B 140 14.30 9.37 19.66
CA VAL B 140 14.28 7.95 19.36
C VAL B 140 14.40 7.76 17.85
N LYS B 141 15.29 6.88 17.44
CA LYS B 141 15.39 6.47 16.04
C LYS B 141 15.28 4.96 16.04
N ASN B 142 14.16 4.47 15.51
CA ASN B 142 13.86 3.04 15.51
C ASN B 142 13.92 2.46 16.93
N ASN B 143 14.92 1.63 17.23
CA ASN B 143 15.02 0.97 18.53
C ASN B 143 16.18 1.50 19.39
N HIS B 144 16.61 2.73 19.11
CA HIS B 144 17.67 3.37 19.88
C HIS B 144 17.19 4.69 20.48
N ILE B 145 17.65 4.99 21.69
CA ILE B 145 17.53 6.34 22.24
C ILE B 145 18.80 7.02 21.77
N VAL B 146 18.65 7.91 20.79
CA VAL B 146 19.80 8.62 20.23
C VAL B 146 20.42 9.54 21.27
N SER B 147 19.57 10.33 21.94
CA SER B 147 20.02 11.40 22.81
C SER B 147 18.91 11.84 23.75
N ALA B 148 19.27 12.65 24.75
CA ALA B 148 18.33 13.14 25.74
C ALA B 148 18.68 14.57 26.09
N ALA B 149 17.80 15.25 26.82
CA ALA B 149 17.99 16.65 27.19
C ALA B 149 18.13 17.56 25.96
N ASN B 150 17.51 17.14 24.86
CA ASN B 150 17.59 17.90 23.60
C ASN B 150 16.72 19.14 23.64
N ILE B 151 17.09 20.16 22.86
CA ILE B 151 16.31 21.39 22.71
C ILE B 151 15.59 21.39 21.36
N LEU B 152 14.27 21.59 21.40
CA LEU B 152 13.43 21.61 20.21
C LEU B 152 12.93 23.03 19.94
N PRO B 153 12.53 23.33 18.68
CA PRO B 153 11.94 24.67 18.45
C PRO B 153 10.56 24.74 19.10
N LEU B 154 10.22 25.88 19.71
CA LEU B 154 8.92 26.06 20.34
C LEU B 154 7.98 26.69 19.34
N THR B 155 6.74 26.20 19.28
CA THR B 155 5.75 26.85 18.42
C THR B 155 5.53 28.30 18.84
N LYS B 156 5.44 29.19 17.86
CA LYS B 156 5.05 30.56 18.14
C LYS B 156 3.59 30.83 17.76
N SER B 157 2.86 29.76 17.47
CA SER B 157 1.45 29.85 17.09
C SER B 157 0.60 30.48 18.18
N THR B 158 -0.36 31.31 17.75
CA THR B 158 -1.30 31.99 18.65
C THR B 158 -2.62 31.21 18.78
N GLU B 159 -2.83 30.24 17.88
CA GLU B 159 -4.04 29.41 17.88
C GLU B 159 -3.96 28.19 18.80
N VAL B 160 -2.90 28.08 19.59
CA VAL B 160 -2.75 26.96 20.53
C VAL B 160 -3.15 27.36 21.94
N ASP B 161 -3.64 26.38 22.69
CA ASP B 161 -4.03 26.54 24.09
C ASP B 161 -3.02 27.41 24.85
N PRO B 162 -3.49 28.54 25.43
CA PRO B 162 -2.62 29.48 26.15
C PRO B 162 -2.06 28.94 27.48
N GLU B 163 -2.67 27.87 28.01
CA GLU B 163 -2.21 27.25 29.25
C GLU B 163 -1.13 26.19 29.02
N LEU B 164 -0.62 26.09 27.79
CA LEU B 164 0.39 25.09 27.43
C LEU B 164 1.79 25.52 27.81
N GLY B 165 2.49 24.61 28.50
CA GLY B 165 3.88 24.83 28.91
C GLY B 165 4.88 24.58 27.80
N THR B 166 6.16 24.75 28.11
CA THR B 166 7.22 24.66 27.11
C THR B 166 7.39 23.25 26.55
N ARG B 167 7.13 22.21 27.34
CA ARG B 167 7.15 20.83 26.84
C ARG B 167 6.17 20.66 25.68
N HIS B 168 4.95 21.13 25.87
CA HIS B 168 3.90 20.99 24.86
C HIS B 168 4.20 21.86 23.65
N ARG B 169 4.67 23.08 23.88
CA ARG B 169 5.03 23.98 22.79
C ARG B 169 6.22 23.48 21.96
N ALA B 170 7.15 22.75 22.61
CA ALA B 170 8.31 22.17 21.92
C ALA B 170 7.88 21.01 21.02
N ALA B 171 6.96 20.19 21.53
CA ALA B 171 6.38 19.12 20.75
C ALA B 171 5.69 19.68 19.52
N ILE B 172 4.82 20.67 19.73
CA ILE B 172 4.05 21.23 18.64
C ILE B 172 5.03 21.85 17.67
N GLY B 173 6.00 22.58 18.21
CA GLY B 173 7.01 23.29 17.41
C GLY B 173 7.80 22.39 16.49
N LEU B 174 8.29 21.26 17.00
CA LEU B 174 9.03 20.32 16.15
C LEU B 174 8.11 19.71 15.10
N SER B 175 6.87 19.44 15.49
CA SER B 175 5.91 18.79 14.59
C SER B 175 5.49 19.67 13.40
N GLU B 176 5.69 20.98 13.52
CA GLU B 176 5.42 21.95 12.44
C GLU B 176 6.52 21.98 11.39
N LYS B 177 7.71 21.50 11.74
CA LYS B 177 8.89 21.61 10.89
C LYS B 177 9.34 20.26 10.31
N SER B 178 8.65 19.20 10.68
CA SER B 178 9.04 17.84 10.31
C SER B 178 7.85 16.90 10.45
N ASP B 179 8.00 15.66 9.99
CA ASP B 179 6.96 14.66 10.14
C ASP B 179 7.16 13.82 11.41
N ALA B 180 8.01 14.29 12.32
CA ALA B 180 8.22 13.58 13.58
C ALA B 180 6.94 13.53 14.42
N LEU B 181 6.75 12.44 15.17
CA LEU B 181 5.67 12.38 16.14
C LEU B 181 6.29 12.59 17.52
N ILE B 182 5.76 13.54 18.29
CA ILE B 182 6.34 13.87 19.61
C ILE B 182 5.35 13.64 20.75
N LEU B 183 5.68 12.67 21.61
CA LEU B 183 4.89 12.33 22.76
C LEU B 183 5.22 13.24 23.93
N VAL B 184 4.19 13.64 24.67
CA VAL B 184 4.36 14.49 25.85
C VAL B 184 3.62 13.86 27.03
N VAL B 185 4.24 13.92 28.22
CA VAL B 185 3.56 13.67 29.49
C VAL B 185 3.66 14.98 30.26
N SER B 186 2.51 15.49 30.70
CA SER B 186 2.46 16.71 31.49
C SER B 186 2.90 16.43 32.92
N GLU B 187 3.82 17.25 33.44
CA GLU B 187 4.22 17.12 34.84
C GLU B 187 3.16 17.65 35.82
N GLU B 188 2.22 18.44 35.31
CA GLU B 188 1.13 19.00 36.14
C GLU B 188 -0.02 18.03 36.36
N THR B 189 -0.43 17.32 35.30
CA THR B 189 -1.62 16.48 35.36
C THR B 189 -1.38 15.01 35.02
N GLY B 190 -0.24 14.70 34.42
CA GLY B 190 0.00 13.34 33.89
C GLY B 190 -0.69 13.05 32.57
N ARG B 191 -1.41 14.02 32.02
CA ARG B 191 -2.07 13.85 30.72
C ARG B 191 -1.01 13.56 29.67
N THR B 192 -1.31 12.59 28.82
CA THR B 192 -0.41 12.21 27.74
C THR B 192 -0.99 12.67 26.41
N SER B 193 -0.11 13.23 25.57
CA SER B 193 -0.44 13.74 24.24
C SER B 193 0.61 13.33 23.23
N PHE B 194 0.30 13.49 21.95
CA PHE B 194 1.35 13.59 20.93
C PHE B 194 1.06 14.71 19.97
N ALA B 195 2.13 15.33 19.48
CA ALA B 195 2.03 16.30 18.41
C ALA B 195 2.40 15.66 17.09
N LEU B 196 1.61 15.98 16.07
CA LEU B 196 1.90 15.55 14.72
C LEU B 196 1.40 16.63 13.77
N ASN B 197 2.27 17.08 12.88
CA ASN B 197 1.92 18.11 11.88
C ASN B 197 1.26 19.37 12.47
N GLY B 198 1.80 19.84 13.59
CA GLY B 198 1.37 21.10 14.17
C GLY B 198 0.13 21.02 15.05
N ILE B 199 -0.36 19.80 15.27
CA ILE B 199 -1.57 19.59 16.06
C ILE B 199 -1.28 18.68 17.24
N LEU B 200 -1.82 19.06 18.40
CA LEU B 200 -1.64 18.28 19.63
C LEU B 200 -2.88 17.43 19.91
N TYR B 201 -2.68 16.13 20.10
CA TYR B 201 -3.78 15.20 20.34
C TYR B 201 -3.64 14.55 21.69
N THR B 202 -4.70 14.57 22.47
CA THR B 202 -4.73 13.87 23.75
C THR B 202 -4.82 12.39 23.47
N ILE B 203 -4.04 11.60 24.21
CA ILE B 203 -4.16 10.16 24.16
C ILE B 203 -4.33 9.61 25.58
N SER B 204 -4.99 8.48 25.70
CA SER B 204 -4.96 7.77 26.98
C SER B 204 -4.55 6.33 26.73
N LEU B 205 -3.41 5.95 27.31
CA LEU B 205 -2.84 4.62 27.13
C LEU B 205 -3.05 3.75 28.37
N SER C 2 1.24 -11.68 -9.99
CA SER C 2 1.13 -12.47 -8.71
C SER C 2 0.39 -11.61 -7.70
N ASN C 3 0.12 -12.17 -6.52
CA ASN C 3 -0.60 -11.46 -5.46
C ASN C 3 0.29 -10.40 -4.82
N ALA C 4 0.04 -9.13 -5.14
CA ALA C 4 0.85 -8.03 -4.61
C ALA C 4 0.92 -7.97 -3.07
N MET C 5 -0.17 -8.35 -2.37
CA MET C 5 -0.16 -8.35 -0.90
C MET C 5 0.86 -9.38 -0.43
N HIS C 6 0.77 -10.60 -0.97
CA HIS C 6 1.70 -11.67 -0.65
C HIS C 6 3.14 -11.28 -0.99
N GLU C 7 3.34 -10.71 -2.18
CA GLU C 7 4.69 -10.32 -2.62
C GLU C 7 5.28 -9.20 -1.76
N TRP C 8 4.42 -8.32 -1.26
CA TRP C 8 4.85 -7.27 -0.35
C TRP C 8 5.40 -7.85 0.94
N GLY C 9 4.66 -8.80 1.52
CA GLY C 9 5.16 -9.59 2.64
C GLY C 9 6.50 -10.24 2.37
N LEU C 10 6.69 -10.81 1.18
CA LEU C 10 7.97 -11.46 0.84
C LEU C 10 9.11 -10.45 0.75
N SER C 11 8.85 -9.32 0.09
CA SER C 11 9.82 -8.25 0.01
C SER C 11 10.22 -7.83 1.41
N GLU C 12 9.23 -7.63 2.27
CA GLU C 12 9.48 -7.15 3.63
C GLU C 12 10.32 -8.12 4.44
N GLU C 13 10.10 -9.42 4.23
CA GLU C 13 10.93 -10.41 4.93
C GLU C 13 12.38 -10.44 4.44
N LEU C 14 12.60 -10.20 3.15
CA LEU C 14 13.95 -10.09 2.60
C LEU C 14 14.69 -8.90 3.18
N LYS C 15 13.95 -7.80 3.37
CA LYS C 15 14.46 -6.59 4.00
C LYS C 15 14.87 -6.89 5.44
N ILE C 16 14.01 -7.62 6.16
CA ILE C 16 14.33 -8.07 7.51
C ILE C 16 15.62 -8.88 7.53
N GLN C 17 15.72 -9.87 6.66
CA GLN C 17 16.93 -10.70 6.56
C GLN C 17 18.18 -9.88 6.25
N THR C 18 18.04 -8.88 5.39
CA THR C 18 19.17 -8.01 5.06
C THR C 18 19.64 -7.24 6.32
N LYS C 19 18.69 -6.65 7.05
CA LYS C 19 19.02 -5.90 8.27
C LYS C 19 19.66 -6.80 9.32
N GLN C 20 19.21 -8.04 9.39
CA GLN C 20 19.77 -9.03 10.32
C GLN C 20 21.23 -9.39 10.00
N MET C 21 21.59 -9.47 8.72
CA MET C 21 22.99 -9.74 8.38
C MET C 21 23.87 -8.53 8.64
N ILE C 22 23.33 -7.34 8.40
CA ILE C 22 24.04 -6.11 8.74
C ILE C 22 24.34 -6.08 10.26
N GLU C 23 23.34 -6.44 11.08
CA GLU C 23 23.51 -6.47 12.54
C GLU C 23 24.55 -7.50 12.97
N ILE C 24 24.57 -8.64 12.30
CA ILE C 24 25.58 -9.68 12.55
C ILE C 24 27.01 -9.17 12.27
N ALA C 25 27.16 -8.46 11.15
CA ALA C 25 28.44 -7.86 10.78
C ALA C 25 28.86 -6.76 11.77
N GLU C 26 27.92 -5.89 12.13
CA GLU C 26 28.20 -4.82 13.10
C GLU C 26 28.68 -5.42 14.43
N LYS C 27 28.00 -6.48 14.86
CA LYS C 27 28.37 -7.15 16.11
C LYS C 27 29.79 -7.73 16.04
N GLU C 28 30.11 -8.38 14.92
CA GLU C 28 31.43 -8.99 14.78
C GLU C 28 32.55 -7.93 14.74
N LEU C 29 32.29 -6.79 14.11
CA LEU C 29 33.25 -5.69 14.10
C LEU C 29 33.47 -5.16 15.50
N SER C 30 32.38 -5.04 16.26
CA SER C 30 32.47 -4.55 17.62
C SER C 30 33.31 -5.49 18.48
N ILE C 31 33.14 -6.79 18.29
CA ILE C 31 33.93 -7.81 19.01
C ILE C 31 35.43 -7.65 18.66
N MET C 32 35.70 -7.53 17.38
CA MET C 32 37.06 -7.34 16.87
C MET C 32 37.71 -6.09 17.48
N ARG C 33 36.96 -4.99 17.55
CA ARG C 33 37.49 -3.71 18.05
C ARG C 33 37.88 -3.79 19.53
N ASN C 34 37.15 -4.61 20.28
CA ASN C 34 37.50 -4.83 21.68
C ASN C 34 38.62 -5.86 21.84
N ALA C 35 38.62 -6.88 20.97
CA ALA C 35 39.58 -7.99 21.08
C ALA C 35 41.03 -7.58 20.74
N ILE C 36 41.20 -6.59 19.88
CA ILE C 36 42.55 -6.20 19.45
C ILE C 36 43.44 -5.76 20.62
N ASP C 37 42.82 -5.21 21.67
CA ASP C 37 43.55 -4.79 22.87
C ASP C 37 44.17 -5.94 23.68
N LYS C 38 43.70 -7.17 23.45
CA LYS C 38 44.20 -8.30 24.22
C LYS C 38 45.38 -9.01 23.57
N GLU C 39 46.47 -9.14 24.35
CA GLU C 39 47.73 -9.73 23.88
C GLU C 39 47.57 -11.19 23.46
N ASP C 40 46.63 -11.90 24.08
CA ASP C 40 46.37 -13.30 23.72
C ASP C 40 45.32 -13.46 22.59
N GLU C 41 45.08 -12.38 21.84
CA GLU C 41 44.22 -12.44 20.67
C GLU C 41 44.90 -11.86 19.45
N CYS C 42 44.60 -12.46 18.30
CA CYS C 42 45.00 -11.91 17.01
C CYS C 42 43.79 -11.83 16.10
N ILE C 43 43.27 -10.62 15.89
CA ILE C 43 41.98 -10.45 15.21
C ILE C 43 42.02 -10.81 13.72
N LEU C 44 43.22 -11.09 13.21
CA LEU C 44 43.36 -11.57 11.84
C LEU C 44 42.61 -12.89 11.60
N CYS C 45 42.41 -13.67 12.66
CA CYS C 45 41.67 -14.91 12.54
C CYS C 45 40.18 -14.69 12.23
N LYS C 46 39.71 -13.45 12.38
CA LYS C 46 38.28 -13.12 12.20
C LYS C 46 37.92 -12.48 10.85
N MET C 47 38.93 -12.19 10.03
CA MET C 47 38.74 -11.44 8.80
C MET C 47 37.91 -12.19 7.75
N GLU C 48 38.19 -13.48 7.60
CA GLU C 48 37.44 -14.34 6.70
C GLU C 48 35.95 -14.33 7.06
N ASP C 49 35.65 -14.49 8.35
CA ASP C 49 34.27 -14.42 8.84
C ASP C 49 33.57 -13.11 8.44
N ILE C 50 34.22 -11.97 8.67
CA ILE C 50 33.60 -10.67 8.35
C ILE C 50 33.44 -10.42 6.86
N HIS C 51 34.43 -10.84 6.07
CA HIS C 51 34.31 -10.75 4.62
C HIS C 51 33.08 -11.52 4.15
N HIS C 52 32.88 -12.72 4.69
CA HIS C 52 31.73 -13.55 4.32
C HIS C 52 30.40 -12.90 4.76
N MET C 53 30.41 -12.28 5.94
CA MET C 53 29.24 -11.59 6.46
C MET C 53 28.84 -10.46 5.53
N LEU C 54 29.83 -9.73 5.04
CA LEU C 54 29.56 -8.63 4.13
C LEU C 54 29.13 -9.13 2.74
N ALA C 55 29.66 -10.29 2.32
CA ALA C 55 29.21 -10.93 1.10
C ALA C 55 27.73 -11.30 1.21
N ASN C 56 27.33 -11.82 2.38
CA ASN C 56 25.94 -12.13 2.67
C ASN C 56 25.05 -10.88 2.67
N VAL C 57 25.51 -9.80 3.29
CA VAL C 57 24.77 -8.53 3.20
C VAL C 57 24.50 -8.20 1.73
N GLN C 58 25.52 -8.30 0.89
CA GLN C 58 25.42 -7.88 -0.52
C GLN C 58 24.40 -8.76 -1.24
N THR C 59 24.46 -10.07 -0.97
CA THR C 59 23.58 -11.05 -1.58
C THR C 59 22.13 -10.83 -1.16
N LEU C 60 21.91 -10.60 0.13
CA LEU C 60 20.55 -10.40 0.65
C LEU C 60 19.94 -9.11 0.15
N ALA C 61 20.74 -8.04 0.14
CA ALA C 61 20.24 -6.75 -0.33
C ALA C 61 19.86 -6.81 -1.82
N ALA C 62 20.69 -7.50 -2.61
CA ALA C 62 20.42 -7.62 -4.04
C ALA C 62 19.14 -8.40 -4.28
N THR C 63 18.97 -9.50 -3.55
CA THR C 63 17.74 -10.29 -3.60
C THR C 63 16.53 -9.42 -3.21
N TYR C 64 16.71 -8.62 -2.15
CA TYR C 64 15.64 -7.72 -1.72
C TYR C 64 15.23 -6.75 -2.83
N TYR C 65 16.19 -6.04 -3.40
CA TYR C 65 15.85 -5.05 -4.41
C TYR C 65 15.29 -5.61 -5.71
N ILE C 66 15.78 -6.79 -6.12
CA ILE C 66 15.22 -7.46 -7.30
C ILE C 66 13.75 -7.75 -7.03
N GLN C 67 13.45 -8.32 -5.87
CA GLN C 67 12.07 -8.62 -5.45
C GLN C 67 11.20 -7.37 -5.37
N ALA C 68 11.68 -6.35 -4.69
CA ALA C 68 10.92 -5.11 -4.49
C ALA C 68 10.67 -4.35 -5.81
N TYR C 69 11.69 -4.28 -6.65
CA TYR C 69 11.57 -3.52 -7.90
C TYR C 69 10.85 -4.28 -9.03
N LEU C 70 10.97 -5.60 -9.02
CA LEU C 70 10.46 -6.41 -10.14
C LEU C 70 9.20 -7.21 -9.86
N SER C 71 8.96 -7.60 -8.61
CA SER C 71 7.81 -8.45 -8.33
C SER C 71 6.44 -7.94 -8.82
N PRO C 72 6.20 -6.60 -8.78
CA PRO C 72 4.93 -6.11 -9.33
C PRO C 72 4.80 -6.25 -10.84
N TYR C 73 5.92 -6.48 -11.53
CA TYR C 73 5.96 -6.38 -12.98
C TYR C 73 6.30 -7.67 -13.72
N THR C 74 6.80 -8.66 -13.01
CA THR C 74 7.11 -9.94 -13.61
C THR C 74 6.95 -11.04 -12.58
N GLU C 75 6.59 -12.23 -13.03
CA GLU C 75 6.59 -13.40 -12.18
C GLU C 75 7.80 -14.29 -12.47
N SER C 76 8.70 -13.77 -13.30
CA SER C 76 9.85 -14.53 -13.76
C SER C 76 11.20 -14.11 -13.15
N SER C 77 11.20 -13.48 -12.00
CA SER C 77 12.49 -12.98 -11.48
C SER C 77 13.46 -14.10 -11.12
N SER C 78 12.96 -15.26 -10.69
CA SER C 78 13.86 -16.37 -10.36
C SER C 78 14.57 -16.93 -11.61
N PHE C 79 13.83 -17.04 -12.70
CA PHE C 79 14.35 -17.48 -13.98
C PHE C 79 15.39 -16.50 -14.50
N ILE C 80 15.09 -15.20 -14.39
CA ILE C 80 16.01 -14.16 -14.80
C ILE C 80 17.30 -14.23 -13.94
N THR C 81 17.14 -14.36 -12.63
CA THR C 81 18.29 -14.42 -11.72
C THR C 81 19.17 -15.64 -12.01
N THR C 82 18.54 -16.79 -12.26
CA THR C 82 19.29 -17.98 -12.65
C THR C 82 20.09 -17.76 -13.93
N ALA C 83 19.46 -17.19 -14.94
CA ALA C 83 20.16 -16.92 -16.19
C ALA C 83 21.36 -15.99 -15.97
N ILE C 84 21.13 -14.92 -15.20
CA ILE C 84 22.15 -13.95 -14.84
C ILE C 84 23.37 -14.55 -14.13
N GLN C 85 23.11 -15.42 -13.16
CA GLN C 85 24.16 -16.15 -12.43
C GLN C 85 24.98 -16.99 -13.39
N HIS C 86 24.31 -17.72 -14.28
CA HIS C 86 24.99 -18.57 -15.26
C HIS C 86 25.82 -17.75 -16.24
N LEU C 87 25.23 -16.66 -16.74
CA LEU C 87 25.95 -15.78 -17.65
C LEU C 87 27.16 -15.13 -16.98
N SER C 88 26.98 -14.69 -15.74
CA SER C 88 28.07 -14.09 -14.97
C SER C 88 29.27 -15.03 -14.84
N ALA C 89 29.00 -16.26 -14.40
CA ALA C 89 30.01 -17.29 -14.23
C ALA C 89 30.82 -17.53 -15.51
N ARG C 90 30.15 -17.49 -16.66
CA ARG C 90 30.77 -17.75 -17.95
C ARG C 90 31.37 -16.48 -18.56
N LYS C 91 31.15 -15.34 -17.89
CA LYS C 91 31.54 -14.02 -18.41
C LYS C 91 30.94 -13.72 -19.79
N HIS C 92 29.67 -14.08 -19.97
CA HIS C 92 28.95 -13.75 -21.21
C HIS C 92 28.21 -12.43 -21.04
N GLY C 93 28.56 -11.44 -21.84
CA GLY C 93 27.88 -10.15 -21.81
C GLY C 93 26.39 -10.29 -22.01
N ALA C 94 25.61 -9.58 -21.19
CA ALA C 94 24.16 -9.65 -21.30
C ALA C 94 23.54 -8.31 -20.94
N LEU C 95 22.37 -8.06 -21.52
CA LEU C 95 21.67 -6.81 -21.33
C LEU C 95 20.18 -7.11 -21.38
N ILE C 96 19.53 -7.08 -20.22
CA ILE C 96 18.14 -7.51 -20.09
C ILE C 96 17.27 -6.41 -19.52
N VAL C 97 16.39 -5.86 -20.36
CA VAL C 97 15.45 -4.82 -19.97
C VAL C 97 14.19 -5.46 -19.38
N VAL C 98 13.84 -5.09 -18.15
CA VAL C 98 12.54 -5.51 -17.64
C VAL C 98 11.59 -4.31 -17.64
N GLU C 99 10.56 -4.39 -18.49
CA GLU C 99 9.57 -3.33 -18.55
C GLU C 99 8.82 -3.23 -17.24
N ARG C 100 8.62 -2.00 -16.77
CA ARG C 100 7.89 -1.81 -15.52
C ARG C 100 6.55 -1.10 -15.78
N ASN C 101 6.31 0.05 -15.17
CA ASN C 101 5.04 0.75 -15.37
C ASN C 101 4.96 1.46 -16.71
N GLU C 102 6.11 1.86 -17.23
CA GLU C 102 6.15 2.64 -18.47
C GLU C 102 6.49 1.80 -19.70
N THR C 103 5.70 2.07 -20.73
CA THR C 103 5.77 1.42 -22.02
C THR C 103 7.04 1.90 -22.78
N LEU C 104 7.66 1.01 -23.55
CA LEU C 104 9.02 1.26 -24.07
C LEU C 104 9.22 1.25 -25.58
N GLU C 105 8.13 1.07 -26.34
CA GLU C 105 8.25 0.87 -27.78
C GLU C 105 8.81 2.07 -28.55
N ALA C 106 8.64 3.27 -28.00
CA ALA C 106 9.16 4.47 -28.65
C ALA C 106 10.64 4.69 -28.32
N LEU C 107 11.14 3.98 -27.31
CA LEU C 107 12.52 4.17 -26.85
C LEU C 107 13.49 3.09 -27.31
N ILE C 108 12.93 1.94 -27.68
CA ILE C 108 13.71 0.77 -28.06
C ILE C 108 13.53 0.50 -29.56
N GLN C 109 14.64 0.37 -30.28
CA GLN C 109 14.55 -0.07 -31.65
C GLN C 109 14.67 -1.59 -31.67
N THR C 110 13.63 -2.25 -32.17
CA THR C 110 13.50 -3.70 -32.08
C THR C 110 14.48 -4.39 -33.02
N GLY C 111 15.16 -5.42 -32.52
CA GLY C 111 16.01 -6.27 -33.35
C GLY C 111 15.18 -7.37 -33.96
N THR C 112 15.04 -8.47 -33.23
CA THR C 112 14.24 -9.61 -33.66
C THR C 112 13.11 -9.81 -32.63
N THR C 113 11.88 -9.97 -33.11
CA THR C 113 10.73 -10.23 -32.24
C THR C 113 10.66 -11.74 -31.97
N LEU C 114 10.49 -12.08 -30.69
CA LEU C 114 10.36 -13.48 -30.26
C LEU C 114 8.98 -13.76 -29.67
N ASN C 115 8.48 -12.85 -28.80
CA ASN C 115 7.24 -13.10 -28.06
C ASN C 115 7.24 -14.51 -27.46
N ALA C 116 8.37 -14.87 -26.84
CA ALA C 116 8.60 -16.25 -26.32
C ALA C 116 8.35 -16.39 -24.84
N HIS C 117 8.04 -17.63 -24.43
CA HIS C 117 8.03 -17.99 -23.03
C HIS C 117 9.41 -17.74 -22.45
N LEU C 118 9.47 -17.01 -21.34
CA LEU C 118 10.75 -16.70 -20.71
C LEU C 118 11.20 -17.89 -19.90
N THR C 119 12.38 -18.42 -20.23
CA THR C 119 13.04 -19.45 -19.42
C THR C 119 14.51 -19.08 -19.33
N ALA C 120 15.19 -19.61 -18.33
CA ALA C 120 16.63 -19.39 -18.22
C ALA C 120 17.43 -19.95 -19.41
N PRO C 121 17.21 -21.22 -19.83
CA PRO C 121 17.94 -21.67 -21.01
C PRO C 121 17.80 -20.72 -22.23
N LEU C 122 16.62 -20.18 -22.47
CA LEU C 122 16.47 -19.29 -23.62
C LEU C 122 17.23 -17.98 -23.45
N LEU C 123 17.17 -17.38 -22.27
CA LEU C 123 17.97 -16.17 -22.01
C LEU C 123 19.47 -16.46 -22.21
N GLU C 124 19.92 -17.60 -21.69
CA GLU C 124 21.32 -17.98 -21.80
C GLU C 124 21.74 -18.27 -23.24
N SER C 125 20.82 -18.84 -24.03
CA SER C 125 21.08 -19.12 -25.43
C SER C 125 21.21 -17.81 -26.22
N ILE C 126 20.31 -16.87 -25.96
CA ILE C 126 20.33 -15.56 -26.64
C ILE C 126 21.69 -14.85 -26.47
N PHE C 127 22.27 -14.93 -25.28
CA PHE C 127 23.53 -14.25 -24.97
C PHE C 127 24.81 -15.09 -25.10
N TYR C 128 24.70 -16.24 -25.78
CA TYR C 128 25.88 -17.05 -26.02
C TYR C 128 26.78 -16.31 -27.02
N PRO C 129 28.06 -16.13 -26.69
CA PRO C 129 28.93 -15.26 -27.51
C PRO C 129 29.04 -15.74 -28.96
N GLY C 130 28.95 -14.79 -29.89
CA GLY C 130 29.08 -15.09 -31.30
C GLY C 130 27.81 -15.43 -32.05
N ASN C 131 26.71 -15.74 -31.33
CA ASN C 131 25.46 -16.11 -32.00
C ASN C 131 24.71 -14.90 -32.57
N PRO C 132 23.78 -15.11 -33.52
CA PRO C 132 23.06 -14.01 -34.16
C PRO C 132 22.30 -13.04 -33.23
N LEU C 133 21.90 -13.48 -32.03
CA LEU C 133 21.06 -12.62 -31.16
C LEU C 133 21.77 -11.99 -29.96
N HIS C 134 23.08 -12.20 -29.83
CA HIS C 134 23.80 -11.80 -28.63
C HIS C 134 24.06 -10.29 -28.54
N ASP C 135 24.17 -9.62 -29.68
CA ASP C 135 24.58 -8.21 -29.71
C ASP C 135 23.36 -7.29 -29.59
N GLY C 136 23.12 -6.77 -28.39
CA GLY C 136 21.95 -5.92 -28.13
C GLY C 136 21.17 -6.39 -26.91
N ALA C 137 20.02 -5.78 -26.68
CA ALA C 137 19.23 -6.00 -25.47
C ALA C 137 18.07 -6.95 -25.68
N VAL C 138 17.81 -7.76 -24.67
CA VAL C 138 16.56 -8.47 -24.58
C VAL C 138 15.54 -7.59 -23.85
N LEU C 139 14.30 -7.59 -24.35
CA LEU C 139 13.19 -6.96 -23.65
C LEU C 139 12.28 -8.03 -23.05
N VAL C 140 11.99 -7.88 -21.75
CA VAL C 140 11.10 -8.78 -21.03
C VAL C 140 9.86 -8.00 -20.64
N LYS C 141 8.69 -8.56 -20.92
CA LYS C 141 7.42 -8.02 -20.40
C LYS C 141 6.76 -9.14 -19.65
N ASN C 142 6.71 -8.98 -18.33
CA ASN C 142 6.15 -9.99 -17.45
C ASN C 142 6.89 -11.33 -17.63
N ASN C 143 6.21 -12.33 -18.20
CA ASN C 143 6.81 -13.66 -18.37
C ASN C 143 7.14 -14.00 -19.83
N HIS C 144 7.30 -12.98 -20.66
CA HIS C 144 7.66 -13.17 -22.07
C HIS C 144 8.96 -12.46 -22.40
N ILE C 145 9.78 -13.07 -23.23
CA ILE C 145 10.87 -12.38 -23.91
C ILE C 145 10.23 -11.82 -25.17
N VAL C 146 10.00 -10.51 -25.18
CA VAL C 146 9.36 -9.84 -26.32
C VAL C 146 10.27 -9.92 -27.55
N SER C 147 11.54 -9.57 -27.36
CA SER C 147 12.48 -9.36 -28.45
C SER C 147 13.92 -9.42 -27.93
N ALA C 148 14.86 -9.57 -28.85
CA ALA C 148 16.28 -9.60 -28.53
C ALA C 148 17.04 -8.79 -29.57
N ALA C 149 18.34 -8.57 -29.31
CA ALA C 149 19.21 -7.79 -30.19
C ALA C 149 18.69 -6.37 -30.39
N ASN C 150 17.98 -5.86 -29.36
CA ASN C 150 17.39 -4.52 -29.42
C ASN C 150 18.43 -3.42 -29.24
N ILE C 151 18.16 -2.24 -29.81
CA ILE C 151 19.02 -1.07 -29.64
C ILE C 151 18.38 -0.07 -28.65
N LEU C 152 19.14 0.27 -27.61
CA LEU C 152 18.69 1.19 -26.56
C LEU C 152 19.43 2.53 -26.67
N PRO C 153 18.84 3.61 -26.11
CA PRO C 153 19.60 4.88 -26.17
C PRO C 153 20.77 4.83 -25.18
N LEU C 154 21.91 5.40 -25.57
CA LEU C 154 23.09 5.37 -24.71
C LEU C 154 23.16 6.64 -23.89
N THR C 155 23.49 6.52 -22.61
CA THR C 155 23.66 7.72 -21.79
C THR C 155 24.76 8.60 -22.38
N LYS C 156 24.54 9.90 -22.37
CA LYS C 156 25.61 10.85 -22.70
C LYS C 156 26.13 11.55 -21.44
N SER C 157 25.75 11.05 -20.27
CA SER C 157 26.15 11.62 -18.99
C SER C 157 27.67 11.73 -18.87
N THR C 158 28.13 12.93 -18.52
CA THR C 158 29.56 13.21 -18.31
C THR C 158 30.04 12.72 -16.95
N GLU C 159 29.11 12.50 -16.02
CA GLU C 159 29.41 11.86 -14.74
C GLU C 159 29.68 10.37 -14.94
N VAL C 160 30.28 10.05 -16.09
CA VAL C 160 30.64 8.70 -16.50
C VAL C 160 31.39 7.94 -15.43
N ASP C 161 31.27 6.62 -15.46
CA ASP C 161 32.38 5.78 -15.03
C ASP C 161 33.10 5.49 -16.34
N PRO C 162 34.17 6.25 -16.63
CA PRO C 162 34.78 6.29 -17.97
C PRO C 162 35.19 4.93 -18.54
N GLU C 163 35.31 3.92 -17.68
CA GLU C 163 35.62 2.56 -18.11
C GLU C 163 34.38 1.78 -18.58
N LEU C 164 33.21 2.42 -18.55
CA LEU C 164 31.94 1.75 -18.91
C LEU C 164 31.78 1.59 -20.40
N GLY C 165 31.54 0.34 -20.81
CA GLY C 165 31.27 0.02 -22.21
C GLY C 165 29.84 0.31 -22.62
N THR C 166 29.53 0.02 -23.88
CA THR C 166 28.23 0.36 -24.45
C THR C 166 27.05 -0.37 -23.83
N ARG C 167 27.24 -1.63 -23.41
CA ARG C 167 26.20 -2.35 -22.68
C ARG C 167 25.74 -1.57 -21.45
N HIS C 168 26.71 -1.13 -20.65
CA HIS C 168 26.40 -0.41 -19.42
C HIS C 168 25.78 0.95 -19.72
N ARG C 169 26.31 1.63 -20.73
CA ARG C 169 25.79 2.95 -21.08
C ARG C 169 24.37 2.87 -21.64
N ALA C 170 24.03 1.74 -22.27
CA ALA C 170 22.69 1.54 -22.83
C ALA C 170 21.67 1.29 -21.73
N ALA C 171 22.08 0.53 -20.72
CA ALA C 171 21.27 0.31 -19.53
C ALA C 171 20.98 1.63 -18.86
N ILE C 172 22.04 2.40 -18.59
CA ILE C 172 21.89 3.67 -17.92
C ILE C 172 21.00 4.55 -18.78
N GLY C 173 21.27 4.57 -20.07
CA GLY C 173 20.56 5.48 -20.99
C GLY C 173 19.07 5.22 -21.04
N LEU C 174 18.68 3.93 -21.10
CA LEU C 174 17.27 3.61 -21.08
C LEU C 174 16.64 3.95 -19.72
N SER C 175 17.38 3.71 -18.64
CA SER C 175 16.87 3.97 -17.30
C SER C 175 16.62 5.45 -17.00
N GLU C 176 17.23 6.33 -17.81
CA GLU C 176 17.05 7.79 -17.69
C GLU C 176 15.75 8.27 -18.34
N LYS C 177 15.20 7.47 -19.24
CA LYS C 177 14.07 7.88 -20.06
C LYS C 177 12.78 7.15 -19.70
N SER C 178 12.88 6.21 -18.77
CA SER C 178 11.77 5.35 -18.39
C SER C 178 12.01 4.78 -17.00
N ASP C 179 10.99 4.11 -16.46
CA ASP C 179 11.13 3.44 -15.18
C ASP C 179 11.56 1.98 -15.35
N ALA C 180 12.02 1.61 -16.54
CA ALA C 180 12.51 0.24 -16.75
C ALA C 180 13.71 -0.08 -15.84
N LEU C 181 13.81 -1.35 -15.40
CA LEU C 181 15.01 -1.80 -14.72
C LEU C 181 15.83 -2.62 -15.73
N ILE C 182 17.12 -2.32 -15.88
CA ILE C 182 17.93 -2.98 -16.91
C ILE C 182 19.14 -3.68 -16.28
N LEU C 183 19.16 -4.99 -16.40
CA LEU C 183 20.24 -5.82 -15.87
C LEU C 183 21.37 -5.90 -16.87
N VAL C 184 22.61 -5.87 -16.37
CA VAL C 184 23.79 -6.01 -17.23
C VAL C 184 24.71 -7.09 -16.66
N VAL C 185 25.28 -7.92 -17.54
CA VAL C 185 26.41 -8.78 -17.18
C VAL C 185 27.58 -8.29 -18.04
N SER C 186 28.70 -8.02 -17.38
CA SER C 186 29.91 -7.59 -18.09
C SER C 186 30.59 -8.79 -18.78
N GLU C 187 30.91 -8.63 -20.06
CA GLU C 187 31.68 -9.65 -20.78
C GLU C 187 33.16 -9.66 -20.37
N GLU C 188 33.60 -8.54 -19.80
CA GLU C 188 34.99 -8.37 -19.36
C GLU C 188 35.26 -9.08 -18.02
N THR C 189 34.33 -8.96 -17.08
CA THR C 189 34.55 -9.43 -15.70
C THR C 189 33.49 -10.38 -15.17
N GLY C 190 32.31 -10.39 -15.78
CA GLY C 190 31.18 -11.15 -15.22
C GLY C 190 30.43 -10.42 -14.12
N ARG C 191 30.86 -9.20 -13.80
CA ARG C 191 30.14 -8.39 -12.81
C ARG C 191 28.71 -8.15 -13.28
N THR C 192 27.77 -8.30 -12.34
CA THR C 192 26.36 -8.08 -12.64
C THR C 192 25.88 -6.79 -11.98
N SER C 193 25.12 -6.02 -12.75
CA SER C 193 24.57 -4.73 -12.35
C SER C 193 23.11 -4.58 -12.79
N PHE C 194 22.42 -3.61 -12.23
CA PHE C 194 21.21 -3.09 -12.88
C PHE C 194 21.19 -1.59 -12.86
N ALA C 195 20.61 -1.01 -13.90
CA ALA C 195 20.34 0.41 -13.95
C ALA C 195 18.89 0.70 -13.63
N LEU C 196 18.68 1.72 -12.81
CA LEU C 196 17.35 2.21 -12.49
C LEU C 196 17.42 3.72 -12.29
N ASN C 197 16.57 4.44 -12.99
CA ASN C 197 16.51 5.91 -12.89
C ASN C 197 17.88 6.61 -13.01
N GLY C 198 18.67 6.18 -13.99
CA GLY C 198 19.91 6.89 -14.30
C GLY C 198 21.10 6.47 -13.47
N ILE C 199 20.90 5.50 -12.58
CA ILE C 199 21.95 5.04 -11.68
C ILE C 199 22.24 3.56 -11.87
N LEU C 200 23.53 3.22 -11.93
CA LEU C 200 23.98 1.84 -12.07
C LEU C 200 24.36 1.27 -10.70
N TYR C 201 23.76 0.12 -10.34
CA TYR C 201 24.02 -0.52 -9.05
C TYR C 201 24.63 -1.90 -9.25
N THR C 202 25.73 -2.18 -8.55
CA THR C 202 26.31 -3.51 -8.58
C THR C 202 25.44 -4.46 -7.79
N ILE C 203 25.20 -5.64 -8.34
CA ILE C 203 24.54 -6.70 -7.59
C ILE C 203 25.41 -7.96 -7.58
N SER C 204 25.29 -8.75 -6.54
CA SER C 204 25.87 -10.07 -6.56
C SER C 204 24.75 -11.07 -6.32
N LEU C 205 24.39 -11.83 -7.35
CA LEU C 205 23.29 -12.80 -7.27
C LEU C 205 23.82 -14.24 -7.20
#